data_1HQ1
#
_entry.id   1HQ1
#
_cell.length_a   136.555
_cell.length_b   78.337
_cell.length_c   32.872
_cell.angle_alpha   90.00
_cell.angle_beta   96.24
_cell.angle_gamma   90.00
#
_symmetry.space_group_name_H-M   'C 1 2 1'
#
loop_
_entity.id
_entity.type
_entity.pdbx_description
1 polymer '4.5S RNA DOMAIN IV'
2 polymer 'SIGNAL RECOGNITION PARTICLE PROTEIN'
3 non-polymer 'MAGNESIUM ION'
4 non-polymer 'POTASSIUM ION'
5 water water
#
loop_
_entity_poly.entity_id
_entity_poly.type
_entity_poly.pdbx_seq_one_letter_code
_entity_poly.pdbx_strand_id
1 'polyribonucleotide' GGCUCUGUUUACCAGGUCAGGUCCGAAAGGAAGCAGCCAAGGCAGAGC(CCC) B
2 'polypeptide(L)'
;GFDLNDFLEQLRQMKNMGGMASLMGKLPGMGQIPDNVKSQMDDKVLVRMEAIINSMTMKERAKPEIIKGSRKRRIAAGSG
MQVQDVNRLLKQFDDMQRMMKKMKK
;
A
#
# COMPACT_ATOMS: atom_id res chain seq x y z
N GLY B 1 10.41 10.41 6.11
CA GLY B 1 10.48 9.17 5.35
C GLY B 1 9.13 8.52 5.12
N PHE B 2 8.46 8.98 4.07
CA PHE B 2 7.08 8.67 3.73
C PHE B 2 6.92 7.19 3.40
N ASP B 3 6.16 6.48 4.23
CA ASP B 3 6.04 5.03 3.99
C ASP B 3 4.57 4.62 3.99
N LEU B 4 4.28 3.32 4.04
CA LEU B 4 2.90 2.91 3.90
C LEU B 4 2.04 3.18 5.14
N ASN B 5 2.66 3.27 6.31
CA ASN B 5 2.02 3.77 7.51
C ASN B 5 1.53 5.22 7.32
N ASP B 6 2.40 6.08 6.76
CA ASP B 6 2.00 7.46 6.44
C ASP B 6 0.87 7.49 5.43
N PHE B 7 1.03 6.67 4.38
CA PHE B 7 -0.03 6.56 3.36
C PHE B 7 -1.35 6.07 3.93
N LEU B 8 -1.27 4.99 4.71
CA LEU B 8 -2.46 4.50 5.42
C LEU B 8 -3.06 5.61 6.27
N GLU B 9 -2.25 6.39 6.97
CA GLU B 9 -2.94 7.44 7.72
C GLU B 9 -3.48 8.51 6.79
N GLN B 10 -2.91 8.70 5.61
CA GLN B 10 -3.54 9.67 4.71
C GLN B 10 -4.85 9.11 4.18
N LEU B 11 -4.91 7.81 3.91
CA LEU B 11 -6.17 7.17 3.53
C LEU B 11 -7.19 7.33 4.65
N ARG B 12 -6.72 7.51 5.89
CA ARG B 12 -7.67 7.87 6.94
C ARG B 12 -7.64 9.38 7.26
N GLN B 13 -8.02 10.25 6.35
CA GLN B 13 -7.96 11.70 6.32
C GLN B 13 -7.24 12.34 7.49
N ASP B 42 -15.31 6.29 -2.09
CA ASP B 42 -14.43 5.31 -1.45
C ASP B 42 -14.99 4.88 -0.09
N ASP B 43 -14.88 3.66 0.30
CA ASP B 43 -14.86 2.26 0.48
C ASP B 43 -14.99 1.56 -0.88
N LYS B 44 -15.21 2.45 -1.82
CA LYS B 44 -15.17 2.37 -3.27
C LYS B 44 -13.70 2.49 -3.74
N VAL B 45 -12.82 2.27 -2.79
CA VAL B 45 -11.38 2.29 -2.93
C VAL B 45 -10.78 2.49 -1.55
N LEU B 46 -11.29 3.38 -0.71
CA LEU B 46 -10.46 3.67 0.46
C LEU B 46 -10.37 2.48 1.41
N VAL B 47 -11.52 1.87 1.66
CA VAL B 47 -11.53 0.73 2.59
C VAL B 47 -10.74 -0.41 2.01
N ARG B 48 -10.83 -0.60 0.70
CA ARG B 48 -10.10 -1.69 0.03
C ARG B 48 -8.61 -1.39 0.03
N MET B 49 -8.27 -0.10 -0.10
CA MET B 49 -6.84 0.25 -0.07
C MET B 49 -6.25 0.04 1.32
N GLU B 50 -6.99 0.49 2.34
CA GLU B 50 -6.60 0.21 3.71
C GLU B 50 -6.47 -1.29 3.99
N ALA B 51 -7.36 -2.08 3.47
CA ALA B 51 -7.31 -3.51 3.70
C ALA B 51 -6.03 -4.11 3.16
N ILE B 52 -5.62 -3.71 1.98
CA ILE B 52 -4.37 -4.26 1.45
C ILE B 52 -3.20 -4.00 2.38
N ILE B 53 -3.15 -2.75 2.88
CA ILE B 53 -2.05 -2.44 3.84
C ILE B 53 -2.20 -3.24 5.11
N ASN B 54 -3.44 -3.45 5.55
CA ASN B 54 -3.67 -4.25 6.77
C ASN B 54 -3.22 -5.72 6.69
N SER B 55 -2.96 -6.23 5.47
CA SER B 55 -2.47 -7.59 5.33
C SER B 55 -0.93 -7.61 5.34
N MET B 56 -0.31 -6.45 5.37
CA MET B 56 1.16 -6.40 5.34
C MET B 56 1.78 -6.55 6.71
N THR B 57 3.04 -6.98 6.75
CA THR B 57 3.84 -6.91 7.95
C THR B 57 4.36 -5.51 8.19
N MET B 58 4.82 -5.23 9.42
CA MET B 58 5.41 -3.88 9.64
C MET B 58 6.65 -3.70 8.81
N LYS B 59 7.53 -4.68 8.59
CA LYS B 59 8.65 -4.48 7.65
C LYS B 59 8.23 -4.08 6.25
N GLU B 60 7.15 -4.70 5.76
CA GLU B 60 6.64 -4.36 4.41
C GLU B 60 6.11 -2.94 4.36
N ARG B 61 5.39 -2.56 5.41
CA ARG B 61 4.86 -1.17 5.42
C ARG B 61 6.00 -0.15 5.49
N ALA B 62 7.08 -0.50 6.20
CA ALA B 62 8.19 0.43 6.39
C ALA B 62 9.04 0.55 5.15
N LYS B 63 9.12 -0.50 4.34
CA LYS B 63 10.06 -0.54 3.19
C LYS B 63 9.36 -1.25 2.05
N PRO B 64 8.37 -0.62 1.45
CA PRO B 64 7.51 -1.30 0.48
C PRO B 64 8.28 -1.84 -0.72
N GLU B 65 9.50 -1.40 -1.01
CA GLU B 65 10.27 -2.00 -2.10
C GLU B 65 10.55 -3.47 -1.87
N ILE B 66 10.44 -4.01 -0.65
CA ILE B 66 10.74 -5.46 -0.50
C ILE B 66 9.56 -6.28 -0.99
N ILE B 67 8.44 -5.67 -1.32
CA ILE B 67 7.24 -6.44 -1.70
C ILE B 67 7.36 -6.88 -3.15
N LYS B 68 7.81 -8.14 -3.32
CA LYS B 68 7.92 -8.71 -4.65
C LYS B 68 6.83 -9.78 -4.82
N GLY B 69 7.00 -10.71 -5.77
CA GLY B 69 5.86 -11.52 -6.17
C GLY B 69 5.21 -12.33 -5.06
N SER B 70 6.03 -12.99 -4.26
CA SER B 70 5.47 -13.87 -3.23
C SER B 70 4.74 -13.07 -2.15
N ARG B 71 5.34 -11.97 -1.73
CA ARG B 71 4.64 -11.15 -0.71
C ARG B 71 3.37 -10.56 -1.32
N LYS B 72 3.42 -10.15 -2.60
CA LYS B 72 2.15 -9.64 -3.19
C LYS B 72 1.06 -10.73 -3.16
N ARG B 73 1.45 -11.97 -3.48
CA ARG B 73 0.42 -13.02 -3.52
C ARG B 73 -0.16 -13.22 -2.12
N ARG B 74 0.70 -13.17 -1.12
CA ARG B 74 0.22 -13.39 0.28
C ARG B 74 -0.72 -12.26 0.70
N ILE B 75 -0.30 -11.02 0.40
CA ILE B 75 -1.10 -9.83 0.72
C ILE B 75 -2.42 -9.81 -0.02
N ALA B 76 -2.36 -10.18 -1.31
CA ALA B 76 -3.61 -10.20 -2.07
C ALA B 76 -4.63 -11.19 -1.48
N ALA B 77 -4.21 -12.45 -1.32
CA ALA B 77 -5.16 -13.45 -0.80
C ALA B 77 -5.65 -13.05 0.60
N GLY B 78 -4.72 -12.50 1.41
CA GLY B 78 -5.02 -12.17 2.78
C GLY B 78 -6.00 -11.00 2.90
N SER B 79 -6.11 -10.21 1.83
CA SER B 79 -7.02 -9.05 1.83
C SER B 79 -8.24 -9.25 0.95
N GLY B 80 -8.37 -10.47 0.39
CA GLY B 80 -9.48 -10.82 -0.47
C GLY B 80 -9.43 -10.06 -1.79
N MET B 81 -8.25 -9.70 -2.28
CA MET B 81 -8.05 -8.95 -3.51
C MET B 81 -7.26 -9.76 -4.53
N GLN B 82 -7.08 -9.19 -5.73
CA GLN B 82 -6.16 -9.84 -6.66
C GLN B 82 -4.80 -9.15 -6.59
N VAL B 83 -3.77 -9.86 -7.06
CA VAL B 83 -2.46 -9.23 -7.08
C VAL B 83 -2.52 -7.91 -7.86
N GLN B 84 -3.36 -7.84 -8.92
CA GLN B 84 -3.34 -6.56 -9.64
C GLN B 84 -3.87 -5.43 -8.77
N ASP B 85 -4.74 -5.73 -7.81
CA ASP B 85 -5.17 -4.67 -6.87
C ASP B 85 -4.02 -4.20 -5.99
N VAL B 86 -3.19 -5.14 -5.55
CA VAL B 86 -2.00 -4.83 -4.73
C VAL B 86 -1.07 -3.99 -5.59
N ASN B 87 -0.85 -4.38 -6.87
CA ASN B 87 0.00 -3.59 -7.74
C ASN B 87 -0.53 -2.15 -7.82
N ARG B 88 -1.83 -2.02 -7.98
CA ARG B 88 -2.39 -0.68 -8.13
C ARG B 88 -2.19 0.17 -6.87
N LEU B 89 -2.44 -0.40 -5.68
CA LEU B 89 -2.15 0.29 -4.41
C LEU B 89 -0.68 0.71 -4.35
N LEU B 90 0.24 -0.19 -4.75
CA LEU B 90 1.66 0.12 -4.64
C LEU B 90 2.06 1.25 -5.58
N LYS B 91 1.40 1.30 -6.75
CA LYS B 91 1.65 2.37 -7.72
C LYS B 91 1.12 3.69 -7.15
N GLN B 92 -0.09 3.66 -6.59
CA GLN B 92 -0.63 4.89 -5.98
C GLN B 92 0.30 5.34 -4.85
N PHE B 93 0.78 4.39 -4.02
CA PHE B 93 1.70 4.76 -2.96
C PHE B 93 2.94 5.43 -3.54
N ASP B 94 3.46 4.77 -4.60
CA ASP B 94 4.69 5.26 -5.21
C ASP B 94 4.49 6.67 -5.74
N ASP B 95 3.35 6.92 -6.38
CA ASP B 95 3.14 8.29 -6.88
C ASP B 95 3.07 9.27 -5.71
N MET B 96 2.49 8.90 -4.57
CA MET B 96 2.35 9.85 -3.46
C MET B 96 3.71 10.08 -2.80
N GLN B 97 4.47 8.98 -2.70
CA GLN B 97 5.81 9.10 -2.09
C GLN B 97 6.67 10.01 -2.95
N ARG B 98 6.54 9.93 -4.27
CA ARG B 98 7.31 10.81 -5.16
C ARG B 98 6.93 12.27 -5.00
N MET B 99 5.63 12.49 -4.95
CA MET B 99 5.11 13.85 -4.75
C MET B 99 5.48 14.42 -3.39
N MET B 100 5.31 13.68 -2.28
CA MET B 100 5.82 14.22 -1.03
C MET B 100 7.31 14.52 -1.04
N LYS B 101 8.10 13.74 -1.75
CA LYS B 101 9.52 14.04 -1.78
C LYS B 101 9.69 15.41 -2.42
N LYS B 102 8.85 15.70 -3.42
CA LYS B 102 9.11 16.90 -4.22
C LYS B 102 8.49 18.14 -3.63
N MET B 103 7.38 17.91 -2.91
CA MET B 103 6.74 19.08 -2.27
C MET B 103 7.66 19.46 -1.12
N LYS B 104 8.41 18.49 -0.63
CA LYS B 104 9.45 18.62 0.39
C LYS B 104 10.82 18.16 -0.08
#